data_3F4W
#
_entry.id   3F4W
#
_cell.length_a   108.971
_cell.length_b   108.971
_cell.length_c   36.702
_cell.angle_alpha   90.000
_cell.angle_beta   90.000
_cell.angle_gamma   90.000
#
_symmetry.space_group_name_H-M   'P 4'
#
loop_
_entity.id
_entity.type
_entity.pdbx_description
1 polymer 'Putative hexulose 6 phosphate synthase'
2 non-polymer 'MALONATE ION'
3 water water
#
_entity_poly.entity_id   1
_entity_poly.type   'polypeptide(L)'
_entity_poly.pdbx_seq_one_letter_code
;MKLQLALDELTLPEAMVFMDKVVDDVDIIEVGTPFLIREGVNAIKAIKEKYPHKEVLADAKIMDGGHFESQLLFDAGADY
VTVLGVTDVLTIQSCIRAAKEAGKQVVVDMICVDDLPARVRLLEEAGADMLAVHTGTDQQAAGRKPIDDLITMLKVRRKA
RIAVAGGISSQTVKDYALLGPDVVIVGSAITHAADPAGEARKISQVLLQHH
;
_entity_poly.pdbx_strand_id   A,B
#
loop_
_chem_comp.id
_chem_comp.type
_chem_comp.name
_chem_comp.formula
MLI non-polymer 'MALONATE ION' 'C3 H2 O4 -2'
#
# COMPACT_ATOMS: atom_id res chain seq x y z
N MET A 1 1.17 -4.00 -27.75
CA MET A 1 1.09 -3.56 -26.37
C MET A 1 -0.33 -3.63 -25.83
N LYS A 2 -0.45 -4.01 -24.57
CA LYS A 2 -1.75 -4.24 -23.94
C LYS A 2 -2.33 -2.97 -23.34
N LEU A 3 -3.66 -2.90 -23.31
CA LEU A 3 -4.35 -1.82 -22.60
C LEU A 3 -4.80 -2.28 -21.23
N GLN A 4 -4.24 -1.68 -20.18
CA GLN A 4 -4.65 -1.97 -18.81
C GLN A 4 -5.52 -0.83 -18.30
N LEU A 5 -6.69 -1.18 -17.77
CA LEU A 5 -7.64 -0.19 -17.29
C LEU A 5 -7.69 -0.13 -15.76
N ALA A 6 -7.25 1.00 -15.20
CA ALA A 6 -7.29 1.18 -13.74
C ALA A 6 -8.67 1.58 -13.23
N LEU A 7 -9.28 0.71 -12.42
CA LEU A 7 -10.51 1.04 -11.71
C LEU A 7 -10.17 1.48 -10.30
N ASP A 8 -10.08 2.79 -10.08
CA ASP A 8 -9.59 3.31 -8.81
C ASP A 8 -10.70 3.68 -7.81
N GLU A 9 -11.61 4.56 -8.22
CA GLU A 9 -12.55 5.17 -7.28
C GLU A 9 -13.97 4.63 -7.37
N LEU A 10 -14.17 3.55 -8.11
CA LEU A 10 -15.50 2.97 -8.26
C LEU A 10 -15.78 1.96 -7.16
N THR A 11 -17.07 1.79 -6.84
CA THR A 11 -17.48 0.71 -5.97
C THR A 11 -17.60 -0.54 -6.83
N LEU A 12 -17.70 -1.71 -6.19
CA LEU A 12 -17.82 -2.95 -6.94
C LEU A 12 -19.06 -2.97 -7.86
N PRO A 13 -20.24 -2.58 -7.34
CA PRO A 13 -21.41 -2.53 -8.22
C PRO A 13 -21.22 -1.54 -9.38
N GLU A 14 -20.57 -0.42 -9.11
CA GLU A 14 -20.29 0.56 -10.15
C GLU A 14 -19.34 -0.01 -11.19
N ALA A 15 -18.34 -0.76 -10.75
CA ALA A 15 -17.34 -1.33 -11.64
C ALA A 15 -17.93 -2.42 -12.53
N MET A 16 -18.81 -3.23 -11.96
CA MET A 16 -19.43 -4.32 -12.71
C MET A 16 -20.27 -3.76 -13.86
N VAL A 17 -20.95 -2.66 -13.60
CA VAL A 17 -21.73 -1.99 -14.64
C VAL A 17 -20.84 -1.30 -15.67
N PHE A 18 -19.81 -0.62 -15.19
CA PHE A 18 -18.92 0.15 -16.05
C PHE A 18 -18.13 -0.73 -17.02
N MET A 19 -17.66 -1.88 -16.53
CA MET A 19 -16.84 -2.76 -17.36
C MET A 19 -17.56 -3.25 -18.62
N ASP A 20 -18.88 -3.43 -18.52
CA ASP A 20 -19.65 -3.86 -19.68
C ASP A 20 -19.56 -2.88 -20.84
N LYS A 21 -19.20 -1.64 -20.52
CA LYS A 21 -19.12 -0.60 -21.54
C LYS A 21 -17.82 -0.65 -22.35
N VAL A 22 -16.77 -1.22 -21.77
CA VAL A 22 -15.43 -1.09 -22.34
C VAL A 22 -14.64 -2.40 -22.45
N VAL A 23 -15.13 -3.45 -21.81
CA VAL A 23 -14.31 -4.65 -21.63
C VAL A 23 -13.74 -5.25 -22.92
N ASP A 24 -14.45 -5.10 -24.03
CA ASP A 24 -14.01 -5.70 -25.30
C ASP A 24 -12.73 -5.04 -25.86
N ASP A 25 -12.45 -3.82 -25.43
CA ASP A 25 -11.27 -3.09 -25.90
C ASP A 25 -10.14 -3.05 -24.87
N VAL A 26 -10.33 -3.75 -23.76
CA VAL A 26 -9.37 -3.77 -22.66
C VAL A 26 -8.71 -5.15 -22.54
N ASP A 27 -7.42 -5.17 -22.25
CA ASP A 27 -6.67 -6.42 -22.10
C ASP A 27 -6.50 -6.82 -20.64
N ILE A 28 -6.23 -5.85 -19.78
CA ILE A 28 -6.04 -6.11 -18.36
C ILE A 28 -6.94 -5.22 -17.52
N ILE A 29 -7.76 -5.84 -16.67
CA ILE A 29 -8.60 -5.10 -15.75
C ILE A 29 -7.83 -4.90 -14.45
N GLU A 30 -7.61 -3.65 -14.07
CA GLU A 30 -6.90 -3.37 -12.84
C GLU A 30 -7.85 -2.99 -11.71
N VAL A 31 -7.82 -3.75 -10.62
CA VAL A 31 -8.51 -3.32 -9.42
C VAL A 31 -7.59 -2.36 -8.67
N GLY A 32 -7.91 -1.07 -8.74
CA GLY A 32 -7.09 -0.03 -8.13
C GLY A 32 -6.98 -0.14 -6.62
N THR A 33 -5.99 0.55 -6.05
CA THR A 33 -5.71 0.41 -4.61
C THR A 33 -6.88 0.81 -3.71
N PRO A 34 -7.48 1.99 -3.95
CA PRO A 34 -8.62 2.39 -3.12
C PRO A 34 -9.81 1.44 -3.29
N PHE A 35 -9.91 0.85 -4.49
CA PHE A 35 -10.96 -0.10 -4.81
C PHE A 35 -10.74 -1.37 -3.97
N LEU A 36 -9.52 -1.88 -4.00
CA LEU A 36 -9.14 -3.02 -3.15
C LEU A 36 -9.41 -2.73 -1.68
N ILE A 37 -8.98 -1.56 -1.22
CA ILE A 37 -9.15 -1.19 0.19
C ILE A 37 -10.63 -1.09 0.55
N ARG A 38 -11.42 -0.58 -0.40
CA ARG A 38 -12.85 -0.42 -0.21
C ARG A 38 -13.54 -1.76 -0.06
N GLU A 39 -13.33 -2.63 -1.03
CA GLU A 39 -14.13 -3.85 -1.19
C GLU A 39 -13.44 -5.10 -0.66
N GLY A 40 -12.12 -5.07 -0.61
CA GLY A 40 -11.37 -6.25 -0.27
C GLY A 40 -11.24 -7.21 -1.44
N VAL A 41 -10.70 -8.39 -1.16
CA VAL A 41 -10.42 -9.39 -2.18
C VAL A 41 -11.65 -9.82 -2.97
N ASN A 42 -12.84 -9.59 -2.42
CA ASN A 42 -14.06 -9.91 -3.12
C ASN A 42 -14.17 -9.21 -4.48
N ALA A 43 -13.53 -8.04 -4.59
CA ALA A 43 -13.53 -7.31 -5.85
C ALA A 43 -12.85 -8.12 -6.95
N ILE A 44 -11.70 -8.70 -6.63
CA ILE A 44 -10.98 -9.55 -7.56
C ILE A 44 -11.80 -10.78 -7.95
N LYS A 45 -12.39 -11.43 -6.95
CA LYS A 45 -13.18 -12.63 -7.17
C LYS A 45 -14.34 -12.35 -8.11
N ALA A 46 -15.08 -11.28 -7.84
CA ALA A 46 -16.26 -10.93 -8.60
C ALA A 46 -15.93 -10.60 -10.05
N ILE A 47 -14.89 -9.81 -10.25
CA ILE A 47 -14.50 -9.39 -11.60
C ILE A 47 -13.96 -10.57 -12.41
N LYS A 48 -13.11 -11.38 -11.79
CA LYS A 48 -12.51 -12.52 -12.48
C LYS A 48 -13.59 -13.55 -12.82
N GLU A 49 -14.63 -13.59 -12.00
CA GLU A 49 -15.75 -14.49 -12.22
C GLU A 49 -16.59 -14.04 -13.42
N LYS A 50 -16.83 -12.74 -13.51
CA LYS A 50 -17.66 -12.20 -14.60
C LYS A 50 -16.91 -12.18 -15.92
N TYR A 51 -15.61 -11.89 -15.87
CA TYR A 51 -14.80 -11.81 -17.09
C TYR A 51 -13.63 -12.78 -17.03
N PRO A 52 -13.91 -14.08 -17.13
CA PRO A 52 -12.92 -15.15 -16.96
C PRO A 52 -11.81 -15.09 -18.00
N HIS A 53 -12.10 -14.55 -19.17
CA HIS A 53 -11.13 -14.51 -20.25
C HIS A 53 -10.25 -13.26 -20.23
N LYS A 54 -10.53 -12.38 -19.27
CA LYS A 54 -9.74 -11.16 -19.10
C LYS A 54 -8.74 -11.34 -17.97
N GLU A 55 -7.56 -10.74 -18.11
CA GLU A 55 -6.57 -10.76 -17.04
C GLU A 55 -6.91 -9.71 -15.98
N VAL A 56 -6.70 -10.07 -14.72
CA VAL A 56 -7.02 -9.16 -13.63
C VAL A 56 -5.75 -8.81 -12.87
N LEU A 57 -5.52 -7.51 -12.67
CA LEU A 57 -4.38 -6.99 -11.94
C LEU A 57 -4.86 -6.45 -10.60
N ALA A 58 -4.26 -6.90 -9.50
CA ALA A 58 -4.58 -6.35 -8.19
C ALA A 58 -3.53 -5.31 -7.80
N ASP A 59 -3.92 -4.05 -7.78
CA ASP A 59 -2.99 -2.96 -7.50
C ASP A 59 -2.81 -2.77 -5.99
N ALA A 60 -2.27 -3.79 -5.33
CA ALA A 60 -2.08 -3.75 -3.88
C ALA A 60 -0.97 -2.78 -3.45
N LYS A 61 -0.04 -2.49 -4.36
CA LYS A 61 1.12 -1.67 -4.02
C LYS A 61 1.78 -2.16 -2.74
N ILE A 62 2.08 -3.46 -2.73
CA ILE A 62 2.66 -4.11 -1.56
C ILE A 62 3.96 -3.46 -1.09
N MET A 63 4.07 -3.26 0.21
CA MET A 63 5.24 -2.63 0.81
C MET A 63 5.88 -3.56 1.84
N ASP A 64 5.11 -4.54 2.30
CA ASP A 64 5.56 -5.45 3.33
C ASP A 64 4.70 -6.70 3.31
N GLY A 65 5.14 -7.74 4.02
CA GLY A 65 4.40 -8.99 4.08
C GLY A 65 4.17 -9.53 2.69
N GLY A 66 5.22 -9.47 1.88
CA GLY A 66 5.13 -9.77 0.46
C GLY A 66 4.45 -11.07 0.07
N HIS A 67 4.94 -12.19 0.58
CA HIS A 67 4.38 -13.47 0.17
C HIS A 67 2.94 -13.64 0.61
N PHE A 68 2.67 -13.29 1.87
CA PHE A 68 1.33 -13.51 2.42
C PHE A 68 0.27 -12.72 1.67
N GLU A 69 0.54 -11.45 1.42
CA GLU A 69 -0.42 -10.61 0.72
C GLU A 69 -0.53 -10.97 -0.76
N SER A 70 0.59 -11.29 -1.39
CA SER A 70 0.58 -11.73 -2.78
C SER A 70 -0.27 -12.99 -2.96
N GLN A 71 -0.07 -13.96 -2.07
CA GLN A 71 -0.77 -15.23 -2.13
C GLN A 71 -2.27 -15.04 -1.95
N LEU A 72 -2.64 -14.20 -0.99
CA LEU A 72 -4.04 -13.85 -0.77
C LEU A 72 -4.68 -13.35 -2.06
N LEU A 73 -3.95 -12.51 -2.77
CA LEU A 73 -4.42 -11.88 -3.99
C LEU A 73 -4.50 -12.89 -5.14
N PHE A 74 -3.47 -13.71 -5.27
CA PHE A 74 -3.43 -14.70 -6.34
C PHE A 74 -4.50 -15.77 -6.12
N ASP A 75 -4.63 -16.22 -4.87
CA ASP A 75 -5.68 -17.17 -4.51
C ASP A 75 -7.06 -16.65 -4.90
N ALA A 76 -7.22 -15.33 -4.86
CA ALA A 76 -8.51 -14.71 -5.16
C ALA A 76 -8.80 -14.63 -6.66
N GLY A 77 -7.80 -14.94 -7.48
CA GLY A 77 -7.98 -14.94 -8.92
C GLY A 77 -7.15 -13.93 -9.69
N ALA A 78 -6.42 -13.08 -8.97
CA ALA A 78 -5.60 -12.08 -9.65
C ALA A 78 -4.53 -12.75 -10.52
N ASP A 79 -4.29 -12.19 -11.70
CA ASP A 79 -3.23 -12.66 -12.58
C ASP A 79 -1.93 -11.89 -12.36
N TYR A 80 -2.05 -10.65 -11.89
CA TYR A 80 -0.91 -9.82 -11.54
C TYR A 80 -1.14 -9.20 -10.16
N VAL A 81 -0.05 -8.92 -9.46
CA VAL A 81 -0.10 -8.08 -8.26
C VAL A 81 1.02 -7.04 -8.36
N THR A 82 0.80 -5.86 -7.80
CA THR A 82 1.83 -4.85 -7.79
C THR A 82 2.53 -4.79 -6.44
N VAL A 83 3.86 -4.61 -6.50
CA VAL A 83 4.68 -4.37 -5.33
C VAL A 83 5.46 -3.08 -5.61
N LEU A 84 5.73 -2.30 -4.56
CA LEU A 84 6.42 -1.04 -4.72
C LEU A 84 7.92 -1.21 -4.94
N GLY A 85 8.45 -0.55 -5.96
CA GLY A 85 9.87 -0.59 -6.23
C GLY A 85 10.69 0.02 -5.09
N VAL A 86 10.06 0.88 -4.29
CA VAL A 86 10.75 1.54 -3.20
C VAL A 86 10.88 0.65 -1.97
N THR A 87 10.22 -0.52 -1.98
CA THR A 87 10.29 -1.42 -0.84
C THR A 87 11.57 -2.26 -0.86
N ASP A 88 11.79 -3.01 0.22
CA ASP A 88 13.00 -3.81 0.34
C ASP A 88 13.02 -4.94 -0.68
N VAL A 89 14.20 -5.29 -1.17
CA VAL A 89 14.34 -6.38 -2.13
C VAL A 89 13.79 -7.71 -1.59
N LEU A 90 13.89 -7.89 -0.27
CA LEU A 90 13.32 -9.06 0.41
C LEU A 90 11.84 -9.20 0.09
N THR A 91 11.12 -8.09 0.18
CA THR A 91 9.69 -8.06 -0.07
C THR A 91 9.38 -8.32 -1.54
N ILE A 92 10.15 -7.70 -2.42
CA ILE A 92 9.95 -7.91 -3.85
C ILE A 92 10.14 -9.38 -4.18
N GLN A 93 11.18 -9.98 -3.60
CA GLN A 93 11.48 -11.38 -3.85
C GLN A 93 10.42 -12.33 -3.29
N SER A 94 9.82 -11.97 -2.15
CA SER A 94 8.75 -12.77 -1.55
C SER A 94 7.52 -12.77 -2.44
N CYS A 95 7.18 -11.58 -2.96
CA CYS A 95 6.06 -11.45 -3.88
C CYS A 95 6.29 -12.32 -5.10
N ILE A 96 7.47 -12.22 -5.70
CA ILE A 96 7.81 -12.98 -6.90
C ILE A 96 7.77 -14.49 -6.65
N ARG A 97 8.23 -14.91 -5.47
CA ARG A 97 8.15 -16.31 -5.11
C ARG A 97 6.69 -16.78 -5.08
N ALA A 98 5.82 -15.96 -4.50
CA ALA A 98 4.40 -16.28 -4.46
C ALA A 98 3.80 -16.36 -5.88
N ALA A 99 4.25 -15.48 -6.75
CA ALA A 99 3.81 -15.48 -8.14
C ALA A 99 4.23 -16.77 -8.85
N LYS A 100 5.48 -17.17 -8.65
CA LYS A 100 5.99 -18.38 -9.29
C LYS A 100 5.19 -19.61 -8.87
N GLU A 101 4.88 -19.70 -7.58
CA GLU A 101 4.06 -20.81 -7.09
C GLU A 101 2.73 -20.86 -7.82
N ALA A 102 2.19 -19.68 -8.14
CA ALA A 102 0.86 -19.58 -8.74
C ALA A 102 0.91 -19.57 -10.26
N GLY A 103 2.12 -19.53 -10.82
CA GLY A 103 2.30 -19.41 -12.26
C GLY A 103 1.80 -18.06 -12.73
N LYS A 104 1.83 -17.07 -11.84
CA LYS A 104 1.35 -15.74 -12.19
C LYS A 104 2.48 -14.72 -12.20
N GLN A 105 2.17 -13.44 -12.03
CA GLN A 105 3.15 -12.39 -12.30
C GLN A 105 3.11 -11.21 -11.35
N VAL A 106 4.28 -10.79 -10.91
CA VAL A 106 4.44 -9.58 -10.11
C VAL A 106 4.84 -8.40 -10.99
N VAL A 107 4.22 -7.25 -10.76
CA VAL A 107 4.59 -6.02 -11.43
C VAL A 107 5.18 -5.07 -10.41
N VAL A 108 6.42 -4.63 -10.62
CA VAL A 108 7.04 -3.70 -9.68
C VAL A 108 6.69 -2.27 -10.10
N ASP A 109 5.91 -1.60 -9.27
CA ASP A 109 5.49 -0.23 -9.53
C ASP A 109 6.56 0.73 -9.04
N MET A 110 7.15 1.46 -9.98
CA MET A 110 8.32 2.29 -9.69
C MET A 110 7.96 3.71 -9.27
N ILE A 111 6.72 3.90 -8.82
CA ILE A 111 6.30 5.22 -8.38
C ILE A 111 7.21 5.75 -7.26
N CYS A 112 7.62 7.01 -7.38
CA CYS A 112 8.45 7.68 -6.37
C CYS A 112 9.86 7.14 -6.20
N VAL A 113 10.32 6.31 -7.14
CA VAL A 113 11.70 5.83 -7.08
C VAL A 113 12.65 6.98 -7.45
N ASP A 114 13.57 7.28 -6.54
CA ASP A 114 14.46 8.44 -6.69
C ASP A 114 15.58 8.24 -7.72
N ASP A 115 16.24 7.08 -7.65
CA ASP A 115 17.32 6.78 -8.59
C ASP A 115 16.92 5.64 -9.50
N LEU A 116 16.21 5.97 -10.58
CA LEU A 116 15.63 4.97 -11.47
C LEU A 116 16.65 3.98 -12.05
N PRO A 117 17.72 4.49 -12.69
CA PRO A 117 18.69 3.56 -13.27
C PRO A 117 19.29 2.57 -12.26
N ALA A 118 19.74 3.08 -11.11
CA ALA A 118 20.33 2.22 -10.09
C ALA A 118 19.31 1.19 -9.60
N ARG A 119 18.07 1.63 -9.41
CA ARG A 119 17.03 0.75 -8.86
C ARG A 119 16.65 -0.33 -9.86
N VAL A 120 16.54 0.04 -11.13
CA VAL A 120 16.24 -0.92 -12.19
C VAL A 120 17.31 -2.00 -12.27
N ARG A 121 18.58 -1.61 -12.22
CA ARG A 121 19.66 -2.58 -12.28
C ARG A 121 19.55 -3.55 -11.13
N LEU A 122 19.31 -3.01 -9.94
CA LEU A 122 19.23 -3.80 -8.73
C LEU A 122 18.06 -4.79 -8.79
N LEU A 123 16.91 -4.32 -9.25
CA LEU A 123 15.69 -5.14 -9.24
C LEU A 123 15.75 -6.25 -10.28
N GLU A 124 16.28 -5.94 -11.45
CA GLU A 124 16.38 -6.94 -12.51
C GLU A 124 17.32 -8.07 -12.10
N GLU A 125 18.46 -7.71 -11.50
CA GLU A 125 19.40 -8.74 -11.08
C GLU A 125 18.86 -9.51 -9.87
N ALA A 126 17.82 -8.96 -9.24
CA ALA A 126 17.17 -9.63 -8.12
C ALA A 126 16.04 -10.54 -8.59
N GLY A 127 15.68 -10.43 -9.86
CA GLY A 127 14.69 -11.33 -10.45
C GLY A 127 13.44 -10.67 -11.00
N ALA A 128 13.32 -9.36 -10.80
CA ALA A 128 12.12 -8.65 -11.26
C ALA A 128 12.01 -8.67 -12.78
N ASP A 129 10.81 -9.05 -13.24
CA ASP A 129 10.57 -9.46 -14.62
C ASP A 129 9.72 -8.42 -15.35
N MET A 130 9.00 -7.60 -14.57
CA MET A 130 8.06 -6.64 -15.15
C MET A 130 8.02 -5.40 -14.27
N LEU A 131 8.26 -4.25 -14.87
CA LEU A 131 8.34 -3.00 -14.14
C LEU A 131 7.39 -1.98 -14.74
N ALA A 132 6.77 -1.17 -13.90
CA ALA A 132 5.85 -0.16 -14.36
C ALA A 132 6.37 1.20 -13.94
N VAL A 133 6.64 2.07 -14.89
CA VAL A 133 6.92 3.45 -14.53
C VAL A 133 5.57 4.10 -14.26
N HIS A 134 5.50 4.91 -13.22
CA HIS A 134 4.23 5.40 -12.73
C HIS A 134 4.35 6.76 -12.05
N THR A 135 3.74 7.76 -12.67
CA THR A 135 3.52 9.04 -12.01
C THR A 135 2.14 8.97 -11.39
N GLY A 136 2.08 9.03 -10.07
CA GLY A 136 0.83 8.84 -9.36
C GLY A 136 -0.19 9.93 -9.61
N THR A 137 -1.44 9.67 -9.23
CA THR A 137 -2.52 10.62 -9.46
C THR A 137 -2.31 11.93 -8.68
N ASP A 138 -1.76 11.84 -7.48
CA ASP A 138 -1.44 13.05 -6.72
C ASP A 138 -0.36 13.86 -7.44
N GLN A 139 0.64 13.17 -7.96
CA GLN A 139 1.68 13.84 -8.72
C GLN A 139 1.14 14.46 -10.02
N GLN A 140 0.24 13.74 -10.69
CA GLN A 140 -0.40 14.26 -11.90
C GLN A 140 -1.16 15.56 -11.60
N ALA A 141 -1.80 15.61 -10.44
CA ALA A 141 -2.56 16.80 -10.05
C ALA A 141 -1.64 18.00 -10.00
N ALA A 142 -0.36 17.75 -9.77
CA ALA A 142 0.65 18.82 -9.71
C ALA A 142 1.33 19.04 -11.06
N GLY A 143 0.76 18.45 -12.11
CA GLY A 143 1.20 18.68 -13.47
C GLY A 143 2.31 17.78 -14.00
N ARG A 144 2.63 16.72 -13.28
CA ARG A 144 3.72 15.84 -13.67
C ARG A 144 3.28 14.71 -14.58
N LYS A 145 4.18 14.22 -15.42
CA LYS A 145 3.86 13.14 -16.34
C LYS A 145 4.96 12.08 -16.36
N PRO A 146 4.61 10.85 -16.76
CA PRO A 146 5.52 9.70 -16.66
C PRO A 146 6.55 9.59 -17.79
N ILE A 147 6.38 10.35 -18.86
CA ILE A 147 7.18 10.12 -20.07
C ILE A 147 8.69 10.20 -19.85
N ASP A 148 9.16 11.15 -19.04
CA ASP A 148 10.59 11.28 -18.80
C ASP A 148 11.11 10.02 -18.11
N ASP A 149 10.35 9.51 -17.14
CA ASP A 149 10.73 8.29 -16.46
C ASP A 149 10.69 7.08 -17.40
N LEU A 150 9.74 7.06 -18.32
CA LEU A 150 9.65 5.97 -19.28
C LEU A 150 10.87 5.96 -20.20
N ILE A 151 11.32 7.14 -20.60
CA ILE A 151 12.50 7.27 -21.44
C ILE A 151 13.73 6.67 -20.77
N THR A 152 13.95 7.03 -19.50
CA THR A 152 15.06 6.46 -18.74
C THR A 152 14.91 4.96 -18.59
N MET A 153 13.70 4.52 -18.23
CA MET A 153 13.44 3.09 -18.06
C MET A 153 13.82 2.30 -19.32
N LEU A 154 13.39 2.79 -20.47
CA LEU A 154 13.65 2.09 -21.73
C LEU A 154 15.13 2.04 -22.10
N LYS A 155 15.89 3.01 -21.63
CA LYS A 155 17.32 3.05 -21.89
C LYS A 155 18.09 2.12 -20.95
N VAL A 156 17.59 1.95 -19.72
CA VAL A 156 18.30 1.19 -18.71
C VAL A 156 17.89 -0.28 -18.63
N ARG A 157 16.61 -0.56 -18.85
CA ARG A 157 16.12 -1.93 -18.72
C ARG A 157 16.82 -2.90 -19.66
N ARG A 158 17.08 -4.11 -19.17
CA ARG A 158 17.74 -5.13 -19.97
C ARG A 158 16.75 -6.14 -20.56
N LYS A 159 15.92 -6.71 -19.70
CA LYS A 159 14.99 -7.76 -20.13
C LYS A 159 13.56 -7.47 -19.69
N ALA A 160 13.40 -6.69 -18.63
CA ALA A 160 12.08 -6.45 -18.05
C ALA A 160 11.02 -6.03 -19.06
N ARG A 161 9.84 -6.62 -18.92
CA ARG A 161 8.64 -6.15 -19.59
C ARG A 161 8.32 -4.81 -18.94
N ILE A 162 7.77 -3.86 -19.70
CA ILE A 162 7.58 -2.51 -19.18
C ILE A 162 6.14 -2.01 -19.33
N ALA A 163 5.61 -1.45 -18.24
CA ALA A 163 4.30 -0.80 -18.27
C ALA A 163 4.47 0.67 -17.96
N VAL A 164 3.49 1.48 -18.35
CA VAL A 164 3.52 2.91 -18.05
C VAL A 164 2.14 3.46 -17.68
N ALA A 165 2.10 4.25 -16.62
CA ALA A 165 0.87 4.85 -16.13
C ALA A 165 1.12 6.27 -15.66
N GLY A 166 0.15 7.14 -15.85
CA GLY A 166 0.24 8.50 -15.35
C GLY A 166 -0.64 9.48 -16.11
N GLY A 167 -1.96 9.27 -16.01
CA GLY A 167 -2.91 10.18 -16.62
C GLY A 167 -2.93 10.15 -18.14
N ILE A 168 -2.51 9.03 -18.71
CA ILE A 168 -2.50 8.87 -20.15
C ILE A 168 -3.92 8.87 -20.71
N SER A 169 -4.12 9.54 -21.84
CA SER A 169 -5.43 9.62 -22.48
C SER A 169 -5.31 9.46 -23.99
N SER A 170 -6.44 9.53 -24.69
CA SER A 170 -6.42 9.41 -26.14
C SER A 170 -5.60 10.55 -26.76
N GLN A 171 -5.52 11.67 -26.04
CA GLN A 171 -4.79 12.84 -26.52
C GLN A 171 -3.28 12.67 -26.47
N THR A 172 -2.80 11.81 -25.58
CA THR A 172 -1.35 11.67 -25.38
C THR A 172 -0.84 10.24 -25.57
N VAL A 173 -1.74 9.28 -25.76
CA VAL A 173 -1.35 7.89 -25.83
C VAL A 173 -0.32 7.60 -26.93
N LYS A 174 -0.41 8.32 -28.05
CA LYS A 174 0.52 8.09 -29.14
C LYS A 174 1.97 8.39 -28.75
N ASP A 175 2.19 9.45 -27.99
CA ASP A 175 3.53 9.78 -27.49
C ASP A 175 4.17 8.57 -26.82
N TYR A 176 3.37 7.85 -26.04
CA TYR A 176 3.85 6.71 -25.27
C TYR A 176 3.99 5.46 -26.11
N ALA A 177 3.01 5.22 -26.98
CA ALA A 177 3.00 4.04 -27.82
C ALA A 177 4.24 3.99 -28.70
N LEU A 178 4.61 5.15 -29.23
CA LEU A 178 5.78 5.26 -30.11
C LEU A 178 7.07 4.77 -29.45
N LEU A 179 7.11 4.83 -28.12
CA LEU A 179 8.30 4.42 -27.39
C LEU A 179 8.34 2.91 -27.21
N GLY A 180 7.18 2.27 -27.34
CA GLY A 180 7.09 0.83 -27.33
C GLY A 180 7.08 0.16 -25.97
N PRO A 181 6.25 0.66 -25.04
CA PRO A 181 6.07 -0.08 -23.79
C PRO A 181 5.30 -1.37 -24.09
N ASP A 182 5.31 -2.32 -23.16
CA ASP A 182 4.56 -3.55 -23.35
C ASP A 182 3.11 -3.37 -22.87
N VAL A 183 2.92 -2.53 -21.87
CA VAL A 183 1.58 -2.25 -21.35
C VAL A 183 1.38 -0.77 -21.14
N VAL A 184 0.26 -0.26 -21.65
CA VAL A 184 -0.14 1.11 -21.40
C VAL A 184 -1.32 1.09 -20.43
N ILE A 185 -1.17 1.80 -19.31
CA ILE A 185 -2.19 1.83 -18.26
C ILE A 185 -2.98 3.13 -18.33
N VAL A 186 -4.30 3.01 -18.34
CA VAL A 186 -5.18 4.17 -18.40
C VAL A 186 -6.27 4.01 -17.35
N GLY A 187 -6.62 5.11 -16.69
CA GLY A 187 -7.67 5.09 -15.68
C GLY A 187 -8.66 6.20 -15.92
N SER A 188 -8.37 7.36 -15.34
CA SER A 188 -9.28 8.50 -15.34
C SER A 188 -9.78 8.90 -16.73
N ALA A 189 -8.90 8.86 -17.73
CA ALA A 189 -9.28 9.26 -19.09
C ALA A 189 -10.51 8.48 -19.55
N ILE A 190 -10.61 7.24 -19.11
CA ILE A 190 -11.72 6.38 -19.49
C ILE A 190 -12.87 6.37 -18.47
N THR A 191 -12.53 6.24 -17.19
CA THR A 191 -13.56 6.14 -16.17
C THR A 191 -14.36 7.42 -15.99
N HIS A 192 -13.75 8.56 -16.28
CA HIS A 192 -14.44 9.85 -16.17
C HIS A 192 -14.86 10.39 -17.53
N ALA A 193 -14.75 9.55 -18.56
CA ALA A 193 -15.13 9.95 -19.90
C ALA A 193 -16.63 10.06 -20.04
N ALA A 194 -17.10 11.06 -20.77
CA ALA A 194 -18.51 11.17 -21.09
C ALA A 194 -18.93 9.96 -21.91
N ASP A 195 -18.03 9.53 -22.80
CA ASP A 195 -18.25 8.36 -23.64
C ASP A 195 -17.09 7.38 -23.43
N PRO A 196 -17.17 6.56 -22.37
CA PRO A 196 -16.08 5.65 -22.02
C PRO A 196 -15.73 4.69 -23.15
N ALA A 197 -16.74 4.13 -23.81
CA ALA A 197 -16.52 3.20 -24.90
C ALA A 197 -15.72 3.88 -26.02
N GLY A 198 -16.06 5.13 -26.31
CA GLY A 198 -15.39 5.90 -27.33
C GLY A 198 -13.93 6.15 -26.97
N GLU A 199 -13.69 6.58 -25.74
CA GLU A 199 -12.33 6.84 -25.27
C GLU A 199 -11.52 5.54 -25.27
N ALA A 200 -12.15 4.46 -24.83
CA ALA A 200 -11.48 3.15 -24.81
C ALA A 200 -11.12 2.71 -26.23
N ARG A 201 -12.03 2.96 -27.16
CA ARG A 201 -11.79 2.62 -28.56
C ARG A 201 -10.59 3.38 -29.14
N LYS A 202 -10.55 4.69 -28.89
CA LYS A 202 -9.51 5.54 -29.47
C LYS A 202 -8.13 5.22 -28.93
N ILE A 203 -8.07 4.81 -27.67
CA ILE A 203 -6.79 4.46 -27.05
C ILE A 203 -6.30 3.11 -27.54
N SER A 204 -7.19 2.12 -27.53
CA SER A 204 -6.81 0.78 -27.95
C SER A 204 -6.45 0.75 -29.43
N GLN A 205 -7.05 1.67 -30.19
CA GLN A 205 -6.75 1.83 -31.61
C GLN A 205 -5.30 2.24 -31.82
N VAL A 206 -4.83 3.18 -31.02
CA VAL A 206 -3.46 3.65 -31.12
C VAL A 206 -2.49 2.53 -30.78
N LEU A 207 -2.79 1.79 -29.71
CA LEU A 207 -1.94 0.69 -29.29
C LEU A 207 -1.83 -0.38 -30.37
N LEU A 208 -2.94 -0.62 -31.07
CA LEU A 208 -2.94 -1.59 -32.16
C LEU A 208 -2.23 -1.07 -33.40
N GLN A 209 -2.28 0.24 -33.60
CA GLN A 209 -1.67 0.86 -34.77
C GLN A 209 -0.15 0.88 -34.66
N HIS A 210 0.36 0.56 -33.49
CA HIS A 210 1.79 0.46 -33.26
C HIS A 210 2.18 -0.98 -32.97
N HIS A 211 2.41 -1.74 -34.04
CA HIS A 211 2.75 -3.15 -33.96
C HIS A 211 3.87 -3.40 -32.95
N MET B 1 2.62 6.37 27.03
CA MET B 1 3.07 5.39 26.05
C MET B 1 1.97 4.39 25.77
N LYS B 2 1.43 4.43 24.55
CA LYS B 2 0.31 3.58 24.17
C LYS B 2 0.77 2.26 23.56
N LEU B 3 -0.05 1.23 23.74
CA LEU B 3 0.18 -0.05 23.07
C LEU B 3 -0.75 -0.19 21.88
N GLN B 4 -0.17 -0.30 20.69
CA GLN B 4 -0.93 -0.50 19.47
C GLN B 4 -0.77 -1.95 19.04
N LEU B 5 -1.89 -2.62 18.76
CA LEU B 5 -1.89 -4.02 18.38
C LEU B 5 -2.17 -4.21 16.90
N ALA B 6 -1.18 -4.71 16.17
CA ALA B 6 -1.35 -4.95 14.73
C ALA B 6 -2.00 -6.31 14.43
N LEU B 7 -3.19 -6.27 13.85
CA LEU B 7 -3.83 -7.49 13.34
C LEU B 7 -3.57 -7.61 11.85
N ASP B 8 -2.60 -8.45 11.47
CA ASP B 8 -2.18 -8.53 10.08
C ASP B 8 -2.81 -9.69 9.30
N GLU B 9 -2.69 -10.90 9.82
CA GLU B 9 -3.02 -12.10 9.06
C GLU B 9 -4.33 -12.77 9.46
N LEU B 10 -5.11 -12.11 10.32
CA LEU B 10 -6.38 -12.68 10.76
C LEU B 10 -7.51 -12.31 9.82
N THR B 11 -8.52 -13.17 9.75
CA THR B 11 -9.77 -12.82 9.08
C THR B 11 -10.60 -12.01 10.05
N LEU B 12 -11.62 -11.31 9.54
CA LEU B 12 -12.49 -10.52 10.41
C LEU B 12 -13.10 -11.35 11.54
N PRO B 13 -13.64 -12.54 11.21
CA PRO B 13 -14.22 -13.34 12.30
C PRO B 13 -13.17 -13.76 13.33
N GLU B 14 -11.96 -14.05 12.85
CA GLU B 14 -10.87 -14.41 13.76
C GLU B 14 -10.48 -13.23 14.62
N ALA B 15 -10.45 -12.04 14.02
CA ALA B 15 -10.07 -10.82 14.72
C ALA B 15 -11.07 -10.47 15.82
N MET B 16 -12.36 -10.60 15.51
CA MET B 16 -13.41 -10.27 16.47
C MET B 16 -13.33 -11.16 17.70
N VAL B 17 -13.01 -12.43 17.49
CA VAL B 17 -12.87 -13.37 18.60
C VAL B 17 -11.58 -13.11 19.36
N PHE B 18 -10.50 -12.88 18.62
CA PHE B 18 -9.19 -12.67 19.24
C PHE B 18 -9.15 -11.43 20.13
N MET B 19 -9.77 -10.35 19.66
CA MET B 19 -9.74 -9.09 20.39
C MET B 19 -10.31 -9.19 21.81
N ASP B 20 -11.32 -10.04 21.98
CA ASP B 20 -11.92 -10.23 23.29
C ASP B 20 -10.93 -10.74 24.33
N LYS B 21 -9.82 -11.32 23.86
CA LYS B 21 -8.80 -11.84 24.75
C LYS B 21 -7.85 -10.77 25.29
N VAL B 22 -7.65 -9.70 24.52
CA VAL B 22 -6.59 -8.75 24.82
C VAL B 22 -7.02 -7.29 24.89
N VAL B 23 -8.24 -7.00 24.43
CA VAL B 23 -8.64 -5.61 24.23
C VAL B 23 -8.44 -4.67 25.44
N ASP B 24 -8.65 -5.18 26.64
CA ASP B 24 -8.52 -4.35 27.85
C ASP B 24 -7.10 -3.84 28.08
N ASP B 25 -6.12 -4.50 27.49
CA ASP B 25 -4.72 -4.11 27.66
C ASP B 25 -4.14 -3.38 26.45
N VAL B 26 -4.97 -3.12 25.44
CA VAL B 26 -4.51 -2.39 24.25
C VAL B 26 -5.17 -1.01 24.13
N ASP B 27 -4.43 -0.05 23.59
CA ASP B 27 -4.91 1.31 23.42
C ASP B 27 -5.37 1.57 22.00
N ILE B 28 -4.61 1.08 21.03
CA ILE B 28 -4.94 1.24 19.63
C ILE B 28 -5.05 -0.10 18.93
N ILE B 29 -6.18 -0.34 18.29
CA ILE B 29 -6.36 -1.55 17.50
C ILE B 29 -5.98 -1.25 16.06
N GLU B 30 -5.00 -1.97 15.54
CA GLU B 30 -4.57 -1.75 14.17
C GLU B 30 -5.10 -2.81 13.23
N VAL B 31 -5.87 -2.39 12.23
CA VAL B 31 -6.22 -3.27 11.12
C VAL B 31 -5.05 -3.27 10.15
N GLY B 32 -4.30 -4.37 10.12
CA GLY B 32 -3.10 -4.47 9.29
C GLY B 32 -3.40 -4.50 7.81
N THR B 33 -2.38 -4.23 7.00
CA THR B 33 -2.54 -4.09 5.55
C THR B 33 -3.17 -5.31 4.88
N PRO B 34 -2.67 -6.52 5.16
CA PRO B 34 -3.26 -7.71 4.55
C PRO B 34 -4.70 -7.92 5.00
N PHE B 35 -5.00 -7.48 6.22
CA PHE B 35 -6.33 -7.57 6.80
C PHE B 35 -7.27 -6.63 6.05
N LEU B 36 -6.85 -5.38 5.88
CA LEU B 36 -7.58 -4.42 5.05
C LEU B 36 -7.81 -4.94 3.64
N ILE B 37 -6.76 -5.48 3.02
CA ILE B 37 -6.84 -5.96 1.64
C ILE B 37 -7.80 -7.14 1.55
N ARG B 38 -7.75 -8.00 2.56
CA ARG B 38 -8.59 -9.18 2.64
C ARG B 38 -10.07 -8.81 2.75
N GLU B 39 -10.36 -7.93 3.71
CA GLU B 39 -11.72 -7.72 4.18
C GLU B 39 -12.33 -6.44 3.62
N GLY B 40 -11.49 -5.46 3.36
CA GLY B 40 -11.96 -4.15 2.96
C GLY B 40 -12.35 -3.29 4.14
N VAL B 41 -12.91 -2.12 3.86
CA VAL B 41 -13.27 -1.15 4.89
C VAL B 41 -14.24 -1.70 5.94
N ASN B 42 -14.96 -2.76 5.60
CA ASN B 42 -15.87 -3.39 6.56
C ASN B 42 -15.14 -3.85 7.83
N ALA B 43 -13.86 -4.19 7.70
CA ALA B 43 -13.06 -4.58 8.87
C ALA B 43 -13.00 -3.44 9.88
N ILE B 44 -12.77 -2.23 9.38
CA ILE B 44 -12.73 -1.04 10.23
C ILE B 44 -14.08 -0.79 10.90
N LYS B 45 -15.15 -0.84 10.11
CA LYS B 45 -16.50 -0.62 10.63
C LYS B 45 -16.90 -1.61 11.71
N ALA B 46 -16.66 -2.90 11.45
CA ALA B 46 -17.04 -3.95 12.38
C ALA B 46 -16.32 -3.79 13.72
N ILE B 47 -15.02 -3.52 13.66
CA ILE B 47 -14.21 -3.40 14.86
C ILE B 47 -14.54 -2.14 15.65
N LYS B 48 -14.69 -1.01 14.95
CA LYS B 48 -15.00 0.25 15.61
C LYS B 48 -16.38 0.19 16.23
N GLU B 49 -17.26 -0.62 15.62
CA GLU B 49 -18.62 -0.80 16.12
C GLU B 49 -18.63 -1.67 17.39
N LYS B 50 -17.77 -2.67 17.43
CA LYS B 50 -17.71 -3.56 18.59
C LYS B 50 -16.94 -2.93 19.75
N TYR B 51 -15.90 -2.16 19.42
CA TYR B 51 -15.07 -1.52 20.42
C TYR B 51 -15.03 0.00 20.23
N PRO B 52 -16.16 0.67 20.50
CA PRO B 52 -16.34 2.10 20.24
C PRO B 52 -15.39 2.98 21.05
N HIS B 53 -14.93 2.48 22.19
CA HIS B 53 -14.09 3.27 23.08
C HIS B 53 -12.61 3.06 22.81
N LYS B 54 -12.30 2.23 21.81
CA LYS B 54 -10.92 1.96 21.43
C LYS B 54 -10.58 2.71 20.15
N GLU B 55 -9.37 3.23 20.06
CA GLU B 55 -8.92 3.87 18.84
C GLU B 55 -8.60 2.81 17.78
N VAL B 56 -8.95 3.09 16.53
CA VAL B 56 -8.69 2.15 15.45
C VAL B 56 -7.78 2.79 14.41
N LEU B 57 -6.73 2.07 14.04
CA LEU B 57 -5.80 2.53 13.00
C LEU B 57 -5.90 1.64 11.78
N ALA B 58 -6.09 2.26 10.61
CA ALA B 58 -6.08 1.54 9.35
C ALA B 58 -4.69 1.60 8.74
N ASP B 59 -4.02 0.45 8.69
CA ASP B 59 -2.67 0.39 8.15
C ASP B 59 -2.70 0.26 6.63
N ALA B 60 -3.18 1.32 5.98
CA ALA B 60 -3.32 1.32 4.52
C ALA B 60 -1.98 1.45 3.80
N LYS B 61 -0.98 2.00 4.47
CA LYS B 61 0.31 2.27 3.84
C LYS B 61 0.12 2.97 2.51
N ILE B 62 -0.65 4.05 2.54
CA ILE B 62 -0.98 4.84 1.36
C ILE B 62 0.25 5.32 0.61
N MET B 63 0.20 5.19 -0.72
CA MET B 63 1.32 5.55 -1.58
C MET B 63 0.86 6.55 -2.63
N ASP B 64 -0.44 6.59 -2.87
CA ASP B 64 -1.01 7.48 -3.89
C ASP B 64 -2.49 7.68 -3.60
N GLY B 65 -3.11 8.66 -4.27
CA GLY B 65 -4.52 8.94 -4.08
C GLY B 65 -4.79 9.21 -2.62
N GLY B 66 -3.95 10.04 -2.02
CA GLY B 66 -3.97 10.28 -0.60
C GLY B 66 -5.30 10.69 0.00
N HIS B 67 -5.87 11.78 -0.48
CA HIS B 67 -7.10 12.29 0.13
C HIS B 67 -8.25 11.30 -0.01
N PHE B 68 -8.42 10.76 -1.22
CA PHE B 68 -9.52 9.86 -1.50
C PHE B 68 -9.49 8.63 -0.60
N GLU B 69 -8.34 7.97 -0.55
CA GLU B 69 -8.21 6.76 0.24
C GLU B 69 -8.29 7.03 1.76
N SER B 70 -7.71 8.15 2.20
CA SER B 70 -7.75 8.53 3.60
C SER B 70 -9.18 8.82 4.05
N GLN B 71 -9.91 9.55 3.23
CA GLN B 71 -11.28 9.92 3.53
C GLN B 71 -12.16 8.68 3.63
N LEU B 72 -11.96 7.75 2.70
CA LEU B 72 -12.67 6.47 2.72
C LEU B 72 -12.44 5.76 4.06
N LEU B 73 -11.18 5.74 4.50
CA LEU B 73 -10.81 5.09 5.74
C LEU B 73 -11.39 5.79 6.96
N PHE B 74 -11.33 7.13 6.96
CA PHE B 74 -11.84 7.90 8.08
C PHE B 74 -13.37 7.84 8.16
N ASP B 75 -14.03 7.89 7.00
CA ASP B 75 -15.48 7.74 6.96
C ASP B 75 -15.89 6.40 7.55
N ALA B 76 -15.04 5.40 7.35
CA ALA B 76 -15.33 4.03 7.80
C ALA B 76 -15.23 3.88 9.31
N GLY B 77 -14.63 4.88 9.97
CA GLY B 77 -14.53 4.87 11.42
C GLY B 77 -13.11 4.91 11.95
N ALA B 78 -12.14 4.85 11.06
CA ALA B 78 -10.73 4.86 11.46
C ALA B 78 -10.35 6.14 12.19
N ASP B 79 -9.56 6.01 13.25
CA ASP B 79 -9.04 7.16 13.97
C ASP B 79 -7.67 7.59 13.44
N TYR B 80 -6.94 6.63 12.88
CA TYR B 80 -5.66 6.88 12.24
C TYR B 80 -5.60 6.17 10.89
N VAL B 81 -4.82 6.74 9.97
CA VAL B 81 -4.48 6.08 8.72
C VAL B 81 -2.97 6.23 8.54
N THR B 82 -2.33 5.19 8.00
CA THR B 82 -0.89 5.28 7.71
C THR B 82 -0.64 5.61 6.23
N VAL B 83 0.36 6.47 6.02
CA VAL B 83 0.85 6.80 4.69
C VAL B 83 2.36 6.52 4.67
N LEU B 84 2.88 6.08 3.54
CA LEU B 84 4.30 5.76 3.40
C LEU B 84 5.18 6.99 3.39
N GLY B 85 6.19 7.01 4.25
CA GLY B 85 7.16 8.09 4.29
C GLY B 85 7.93 8.23 2.98
N VAL B 86 8.02 7.14 2.21
CA VAL B 86 8.74 7.17 0.93
C VAL B 86 7.93 7.76 -0.21
N THR B 87 6.64 8.01 0.03
CA THR B 87 5.79 8.57 -1.02
C THR B 87 6.02 10.07 -1.20
N ASP B 88 5.42 10.64 -2.23
CA ASP B 88 5.59 12.06 -2.53
C ASP B 88 5.00 12.92 -1.41
N VAL B 89 5.65 14.04 -1.10
CA VAL B 89 5.13 14.95 -0.08
C VAL B 89 3.70 15.41 -0.39
N LEU B 90 3.36 15.49 -1.68
CA LEU B 90 2.01 15.86 -2.10
C LEU B 90 0.96 14.88 -1.57
N THR B 91 1.29 13.59 -1.64
CA THR B 91 0.40 12.56 -1.11
C THR B 91 0.31 12.63 0.40
N ILE B 92 1.44 12.83 1.06
CA ILE B 92 1.45 12.98 2.51
C ILE B 92 0.54 14.15 2.91
N GLN B 93 0.68 15.27 2.23
CA GLN B 93 -0.14 16.44 2.53
C GLN B 93 -1.62 16.21 2.26
N SER B 94 -1.93 15.44 1.22
CA SER B 94 -3.32 15.12 0.90
C SER B 94 -3.97 14.32 2.00
N CYS B 95 -3.25 13.30 2.48
CA CYS B 95 -3.73 12.49 3.59
C CYS B 95 -3.98 13.35 4.82
N ILE B 96 -3.04 14.20 5.15
CA ILE B 96 -3.15 15.06 6.34
C ILE B 96 -4.31 16.03 6.22
N ARG B 97 -4.55 16.54 5.02
CA ARG B 97 -5.70 17.41 4.82
C ARG B 97 -6.99 16.65 5.12
N ALA B 98 -7.09 15.43 4.63
CA ALA B 98 -8.25 14.59 4.89
C ALA B 98 -8.43 14.32 6.38
N ALA B 99 -7.31 14.16 7.09
CA ALA B 99 -7.36 13.91 8.53
C ALA B 99 -7.87 15.13 9.27
N LYS B 100 -7.39 16.31 8.87
CA LYS B 100 -7.83 17.55 9.48
C LYS B 100 -9.33 17.74 9.32
N GLU B 101 -9.85 17.42 8.14
CA GLU B 101 -11.28 17.53 7.90
C GLU B 101 -12.09 16.66 8.85
N ALA B 102 -11.55 15.49 9.19
CA ALA B 102 -12.24 14.53 10.04
C ALA B 102 -11.88 14.72 11.51
N GLY B 103 -10.95 15.61 11.79
CA GLY B 103 -10.44 15.79 13.14
C GLY B 103 -9.70 14.55 13.61
N LYS B 104 -9.09 13.85 12.67
CA LYS B 104 -8.37 12.63 12.99
C LYS B 104 -6.87 12.76 12.67
N GLN B 105 -6.18 11.64 12.51
CA GLN B 105 -4.71 11.67 12.51
C GLN B 105 -4.05 10.79 11.45
N VAL B 106 -3.03 11.34 10.80
CA VAL B 106 -2.21 10.58 9.87
C VAL B 106 -0.90 10.15 10.53
N VAL B 107 -0.53 8.89 10.33
CA VAL B 107 0.74 8.38 10.82
C VAL B 107 1.64 8.07 9.64
N VAL B 108 2.78 8.74 9.55
CA VAL B 108 3.70 8.47 8.45
C VAL B 108 4.59 7.29 8.79
N ASP B 109 4.41 6.20 8.07
CA ASP B 109 5.21 5.00 8.30
C ASP B 109 6.51 5.12 7.53
N MET B 110 7.62 5.14 8.27
CA MET B 110 8.93 5.42 7.69
C MET B 110 9.66 4.18 7.21
N ILE B 111 8.93 3.08 7.05
CA ILE B 111 9.52 1.83 6.58
C ILE B 111 10.30 2.03 5.27
N CYS B 112 11.52 1.52 5.22
CA CYS B 112 12.35 1.57 4.01
C CYS B 112 12.82 2.97 3.63
N VAL B 113 12.65 3.94 4.52
CA VAL B 113 13.16 5.27 4.23
C VAL B 113 14.68 5.25 4.27
N ASP B 114 15.30 5.67 3.16
CA ASP B 114 16.74 5.52 2.97
C ASP B 114 17.55 6.48 3.85
N ASP B 115 17.16 7.75 3.85
CA ASP B 115 17.88 8.77 4.60
C ASP B 115 16.98 9.37 5.67
N LEU B 116 16.95 8.72 6.84
CA LEU B 116 16.00 9.06 7.89
C LEU B 116 16.04 10.53 8.33
N PRO B 117 17.22 11.05 8.71
CA PRO B 117 17.28 12.43 9.21
C PRO B 117 16.76 13.44 8.19
N ALA B 118 17.22 13.34 6.95
CA ALA B 118 16.79 14.26 5.91
C ALA B 118 15.28 14.15 5.68
N ARG B 119 14.76 12.93 5.77
CA ARG B 119 13.34 12.71 5.48
C ARG B 119 12.43 13.25 6.59
N VAL B 120 12.81 13.08 7.85
CA VAL B 120 11.97 13.59 8.92
C VAL B 120 12.00 15.12 8.96
N ARG B 121 13.13 15.70 8.59
CA ARG B 121 13.21 17.16 8.50
C ARG B 121 12.22 17.65 7.45
N LEU B 122 12.22 17.00 6.30
CA LEU B 122 11.34 17.36 5.20
C LEU B 122 9.88 17.23 5.62
N LEU B 123 9.54 16.08 6.20
CA LEU B 123 8.15 15.77 6.52
C LEU B 123 7.60 16.66 7.63
N GLU B 124 8.40 16.86 8.67
CA GLU B 124 7.99 17.69 9.78
C GLU B 124 7.70 19.11 9.28
N GLU B 125 8.56 19.60 8.40
CA GLU B 125 8.38 20.93 7.81
C GLU B 125 7.11 20.98 6.96
N ALA B 126 6.78 19.86 6.33
CA ALA B 126 5.61 19.78 5.45
C ALA B 126 4.31 19.64 6.24
N GLY B 127 4.43 19.37 7.54
CA GLY B 127 3.25 19.29 8.39
C GLY B 127 3.06 17.97 9.12
N ALA B 128 3.90 16.98 8.81
CA ALA B 128 3.74 15.66 9.42
C ALA B 128 3.90 15.75 10.92
N ASP B 129 2.95 15.16 11.63
CA ASP B 129 2.74 15.37 13.06
C ASP B 129 3.07 14.12 13.85
N MET B 130 3.00 12.97 13.18
CA MET B 130 3.19 11.68 13.82
C MET B 130 3.94 10.73 12.90
N LEU B 131 5.07 10.22 13.36
CA LEU B 131 5.91 9.37 12.54
C LEU B 131 6.11 8.03 13.21
N ALA B 132 6.17 6.97 12.41
CA ALA B 132 6.40 5.63 12.94
C ALA B 132 7.65 5.05 12.31
N VAL B 133 8.64 4.72 13.13
CA VAL B 133 9.77 3.96 12.60
C VAL B 133 9.31 2.51 12.54
N HIS B 134 9.68 1.83 11.46
CA HIS B 134 9.11 0.52 11.20
C HIS B 134 10.06 -0.33 10.36
N THR B 135 10.56 -1.41 10.95
CA THR B 135 11.21 -2.45 10.16
C THR B 135 10.13 -3.48 9.88
N GLY B 136 9.85 -3.72 8.61
CA GLY B 136 8.74 -4.57 8.23
C GLY B 136 8.94 -6.02 8.59
N THR B 137 7.88 -6.80 8.49
CA THR B 137 7.95 -8.21 8.85
C THR B 137 8.91 -8.99 7.94
N ASP B 138 8.99 -8.59 6.66
CA ASP B 138 9.92 -9.24 5.74
C ASP B 138 11.36 -8.94 6.16
N GLN B 139 11.59 -7.70 6.58
CA GLN B 139 12.92 -7.34 7.08
C GLN B 139 13.25 -8.03 8.40
N GLN B 140 12.25 -8.18 9.26
CA GLN B 140 12.45 -8.90 10.53
C GLN B 140 12.87 -10.33 10.26
N ALA B 141 12.29 -10.95 9.24
CA ALA B 141 12.59 -12.33 8.91
C ALA B 141 14.06 -12.47 8.54
N ALA B 142 14.66 -11.36 8.13
CA ALA B 142 16.07 -11.36 7.76
C ALA B 142 16.95 -10.91 8.92
N GLY B 143 16.36 -10.83 10.12
CA GLY B 143 17.09 -10.57 11.34
C GLY B 143 17.25 -9.11 11.74
N ARG B 144 16.50 -8.22 11.09
CA ARG B 144 16.64 -6.78 11.37
C ARG B 144 15.68 -6.28 12.45
N LYS B 145 16.06 -5.19 13.12
CA LYS B 145 15.23 -4.61 14.17
C LYS B 145 15.18 -3.09 14.06
N PRO B 146 14.12 -2.47 14.62
CA PRO B 146 13.83 -1.04 14.47
C PRO B 146 14.65 -0.14 15.37
N ILE B 147 15.32 -0.71 16.36
CA ILE B 147 15.94 0.11 17.40
C ILE B 147 16.94 1.16 16.87
N ASP B 148 17.83 0.77 15.97
CA ASP B 148 18.79 1.73 15.43
C ASP B 148 18.05 2.90 14.79
N ASP B 149 17.00 2.58 14.03
CA ASP B 149 16.19 3.62 13.40
C ASP B 149 15.46 4.51 14.42
N LEU B 150 15.03 3.92 15.53
CA LEU B 150 14.35 4.69 16.56
C LEU B 150 15.30 5.68 17.22
N ILE B 151 16.54 5.25 17.46
CA ILE B 151 17.55 6.11 18.05
C ILE B 151 17.74 7.36 17.19
N THR B 152 17.95 7.16 15.90
CA THR B 152 18.10 8.29 14.98
C THR B 152 16.86 9.17 14.97
N MET B 153 15.69 8.55 14.88
CA MET B 153 14.44 9.30 14.88
C MET B 153 14.34 10.22 16.09
N LEU B 154 14.60 9.68 17.27
CA LEU B 154 14.50 10.45 18.51
C LEU B 154 15.51 11.59 18.57
N LYS B 155 16.67 11.39 17.96
CA LYS B 155 17.69 12.43 17.92
C LYS B 155 17.34 13.54 16.93
N VAL B 156 16.57 13.21 15.89
CA VAL B 156 16.31 14.17 14.82
C VAL B 156 14.94 14.84 14.89
N ARG B 157 13.93 14.14 15.39
CA ARG B 157 12.58 14.69 15.43
C ARG B 157 12.51 15.96 16.29
N ARG B 158 11.72 16.93 15.84
CA ARG B 158 11.56 18.18 16.58
C ARG B 158 10.35 18.15 17.51
N LYS B 159 9.18 17.85 16.95
CA LYS B 159 7.96 17.84 17.76
C LYS B 159 7.03 16.68 17.42
N ALA B 160 7.35 15.92 16.39
CA ALA B 160 6.52 14.80 15.97
C ALA B 160 6.34 13.77 17.09
N ARG B 161 5.12 13.27 17.23
CA ARG B 161 4.84 12.13 18.07
C ARG B 161 5.45 10.92 17.37
N ILE B 162 6.02 9.98 18.14
CA ILE B 162 6.77 8.88 17.55
C ILE B 162 6.21 7.49 17.91
N ALA B 163 6.05 6.65 16.90
CA ALA B 163 5.69 5.25 17.11
C ALA B 163 6.81 4.35 16.65
N VAL B 164 6.87 3.13 17.19
CA VAL B 164 7.88 2.18 16.76
C VAL B 164 7.31 0.77 16.60
N ALA B 165 7.68 0.11 15.51
CA ALA B 165 7.19 -1.23 15.22
C ALA B 165 8.29 -2.06 14.57
N GLY B 166 8.34 -3.35 14.92
CA GLY B 166 9.32 -4.24 14.30
C GLY B 166 9.62 -5.48 15.09
N GLY B 167 8.61 -6.33 15.28
CA GLY B 167 8.81 -7.61 15.93
C GLY B 167 9.00 -7.51 17.43
N ILE B 168 8.56 -6.39 18.01
CA ILE B 168 8.70 -6.16 19.45
C ILE B 168 7.86 -7.14 20.25
N SER B 169 8.42 -7.62 21.36
CA SER B 169 7.73 -8.57 22.21
C SER B 169 8.00 -8.25 23.68
N SER B 170 7.50 -9.09 24.58
CA SER B 170 7.69 -8.86 26.01
C SER B 170 9.17 -8.95 26.37
N GLN B 171 9.92 -9.73 25.60
CA GLN B 171 11.34 -9.92 25.89
C GLN B 171 12.20 -8.72 25.46
N THR B 172 11.69 -7.87 24.59
CA THR B 172 12.46 -6.72 24.10
C THR B 172 11.79 -5.35 24.34
N VAL B 173 10.53 -5.36 24.77
CA VAL B 173 9.76 -4.11 24.87
C VAL B 173 10.43 -3.09 25.80
N LYS B 174 11.12 -3.57 26.83
CA LYS B 174 11.82 -2.70 27.77
C LYS B 174 12.86 -1.81 27.09
N ASP B 175 13.65 -2.40 26.19
CA ASP B 175 14.68 -1.64 25.47
C ASP B 175 14.07 -0.44 24.75
N TYR B 176 12.88 -0.62 24.21
CA TYR B 176 12.20 0.43 23.45
C TYR B 176 11.51 1.42 24.35
N ALA B 177 10.87 0.92 25.40
CA ALA B 177 10.13 1.78 26.33
C ALA B 177 11.06 2.82 26.95
N LEU B 178 12.28 2.40 27.25
CA LEU B 178 13.27 3.26 27.90
C LEU B 178 13.63 4.48 27.07
N LEU B 179 13.51 4.36 25.75
CA LEU B 179 13.87 5.44 24.85
C LEU B 179 12.76 6.49 24.78
N GLY B 180 11.58 6.12 25.26
CA GLY B 180 10.48 7.04 25.35
C GLY B 180 9.69 7.29 24.07
N PRO B 181 9.32 6.22 23.34
CA PRO B 181 8.43 6.39 22.19
C PRO B 181 7.04 6.78 22.69
N ASP B 182 6.21 7.34 21.83
CA ASP B 182 4.84 7.66 22.22
C ASP B 182 3.92 6.46 22.04
N VAL B 183 4.19 5.65 21.02
CA VAL B 183 3.40 4.46 20.76
C VAL B 183 4.30 3.27 20.51
N VAL B 184 4.05 2.16 21.19
CA VAL B 184 4.74 0.93 20.89
C VAL B 184 3.80 -0.01 20.14
N ILE B 185 4.22 -0.45 18.96
CA ILE B 185 3.40 -1.30 18.12
C ILE B 185 3.86 -2.76 18.22
N VAL B 186 2.91 -3.64 18.50
CA VAL B 186 3.20 -5.06 18.64
C VAL B 186 2.18 -5.85 17.84
N GLY B 187 2.63 -6.89 17.14
CA GLY B 187 1.74 -7.72 16.38
C GLY B 187 1.93 -9.19 16.68
N SER B 188 2.88 -9.80 15.99
CA SER B 188 3.13 -11.23 16.07
C SER B 188 3.33 -11.74 17.50
N ALA B 189 4.08 -11.00 18.30
CA ALA B 189 4.35 -11.43 19.68
C ALA B 189 3.07 -11.78 20.42
N ILE B 190 2.00 -11.04 20.12
CA ILE B 190 0.71 -11.26 20.77
C ILE B 190 -0.23 -12.17 19.99
N THR B 191 -0.35 -11.95 18.68
CA THR B 191 -1.29 -12.72 17.87
C THR B 191 -0.89 -14.18 17.72
N HIS B 192 0.40 -14.47 17.84
CA HIS B 192 0.89 -15.85 17.73
C HIS B 192 1.28 -16.42 19.08
N ALA B 193 0.93 -15.71 20.15
CA ALA B 193 1.26 -16.17 21.50
C ALA B 193 0.35 -17.32 21.91
N ALA B 194 0.90 -18.29 22.64
CA ALA B 194 0.10 -19.36 23.22
C ALA B 194 -0.88 -18.77 24.23
N ASP B 195 -0.42 -17.73 24.93
CA ASP B 195 -1.24 -17.00 25.88
C ASP B 195 -1.26 -15.52 25.49
N PRO B 196 -2.14 -15.15 24.55
CA PRO B 196 -2.25 -13.77 24.08
C PRO B 196 -2.48 -12.77 25.22
N ALA B 197 -3.42 -13.07 26.10
CA ALA B 197 -3.72 -12.18 27.22
C ALA B 197 -2.48 -11.93 28.08
N GLY B 198 -1.73 -13.00 28.34
CA GLY B 198 -0.53 -12.91 29.14
C GLY B 198 0.56 -12.09 28.50
N GLU B 199 0.75 -12.25 27.19
CA GLU B 199 1.74 -11.45 26.47
C GLU B 199 1.32 -10.00 26.42
N ALA B 200 0.04 -9.76 26.16
CA ALA B 200 -0.50 -8.40 26.15
C ALA B 200 -0.30 -7.75 27.52
N ARG B 201 -0.50 -8.52 28.59
CA ARG B 201 -0.33 -8.01 29.95
C ARG B 201 1.13 -7.63 30.22
N LYS B 202 2.06 -8.54 29.90
CA LYS B 202 3.48 -8.29 30.14
C LYS B 202 3.98 -7.06 29.40
N ILE B 203 3.52 -6.87 28.17
CA ILE B 203 3.97 -5.73 27.37
C ILE B 203 3.36 -4.42 27.86
N SER B 204 2.06 -4.43 28.13
CA SER B 204 1.39 -3.22 28.60
C SER B 204 1.90 -2.80 29.96
N GLN B 205 2.31 -3.78 30.76
CA GLN B 205 2.89 -3.53 32.07
C GLN B 205 4.15 -2.70 31.95
N VAL B 206 5.02 -3.10 31.02
CA VAL B 206 6.27 -2.39 30.79
C VAL B 206 6.01 -0.95 30.36
N LEU B 207 5.06 -0.76 29.45
CA LEU B 207 4.72 0.58 28.98
C LEU B 207 4.27 1.48 30.12
N LEU B 208 3.56 0.92 31.08
CA LEU B 208 3.07 1.67 32.23
C LEU B 208 4.17 2.00 33.23
N GLN B 209 5.22 1.16 33.29
CA GLN B 209 6.33 1.41 34.21
C GLN B 209 6.94 2.78 33.91
N HIS B 210 6.79 3.22 32.67
CA HIS B 210 7.40 4.45 32.21
C HIS B 210 6.41 5.60 32.13
N HIS B 211 5.94 6.02 33.30
CA HIS B 211 5.04 7.15 33.45
C HIS B 211 5.57 8.39 32.75
C1 MLI C . -3.94 5.73 -13.96
C2 MLI C . -2.76 6.34 -13.25
C3 MLI C . -4.78 6.87 -14.48
O6 MLI C . -2.55 6.11 -12.07
O7 MLI C . -2.18 7.26 -13.80
O8 MLI C . -4.65 7.22 -15.64
O9 MLI C . -5.77 7.23 -13.84
C1 MLI D . 4.23 -5.62 13.88
C2 MLI D . 5.31 -5.19 12.92
C3 MLI D . 4.63 -6.96 14.46
O6 MLI D . 5.06 -5.03 11.74
O7 MLI D . 6.48 -5.23 13.29
O8 MLI D . 5.16 -7.00 15.56
O9 MLI D . 4.20 -7.99 13.96
#